data_8XZ0
#
_entry.id   8XZ0
#
_cell.length_a   77.507
_cell.length_b   77.507
_cell.length_c   55.995
_cell.angle_alpha   90.00
_cell.angle_beta   90.00
_cell.angle_gamma   90.00
#
_symmetry.space_group_name_H-M   'P 43'
#
loop_
_entity.id
_entity.type
_entity.pdbx_description
1 polymer Ezrin
2 polymer "Spike protein S2'"
3 water water
#
loop_
_entity_poly.entity_id
_entity_poly.type
_entity_poly.pdbx_seq_one_letter_code
_entity_poly.pdbx_strand_id
1 'polypeptide(L)'
;MPKPINVRVTTMDAELEFAIQPNTTGKQLFDQVVKTIGLREVWYFGLHYVDNKGFPTWLKLDKKVSAQEVRKENPLQFKF
RAKFYPEDVAEELIQDITQKLFFLQVKEGILSDEIYCPPETAVLLGSYAVQAKFGDYNKEVHKSGYLSSERLIPQRVMDQ
HKLTRDQWEDRIQVWHAEHRGMLKDNAMLEYLKIAQDLEMYGINYFEIKNKKGTDLWLGVDALGLNIYEKDDKLTPKIGF
PWSEIRNISFNDKKFVIKPIDKKAPDFVFYAPRLRINKRILQLCMGNHELYMRRRK
;
A
2 'polypeptide(L)' DSEPVLKGVKLHYT B
#
# COMPACT_ATOMS: atom_id res chain seq x y z
N LYS A 3 28.51 -13.23 -13.06
CA LYS A 3 27.51 -12.70 -13.98
C LYS A 3 26.67 -11.61 -13.32
N PRO A 4 26.73 -10.37 -13.79
CA PRO A 4 26.00 -9.29 -13.11
C PRO A 4 24.54 -9.24 -13.56
N ILE A 5 23.65 -9.01 -12.59
CA ILE A 5 22.21 -8.94 -12.83
C ILE A 5 21.75 -7.51 -12.66
N ASN A 6 20.97 -7.01 -13.62
CA ASN A 6 20.48 -5.63 -13.59
C ASN A 6 19.11 -5.60 -12.92
N VAL A 7 18.98 -4.75 -11.90
CA VAL A 7 17.72 -4.61 -11.18
C VAL A 7 17.38 -3.13 -11.11
N ARG A 8 16.10 -2.83 -11.28
CA ARG A 8 15.55 -1.51 -11.04
C ARG A 8 14.66 -1.58 -9.83
N VAL A 9 14.83 -0.64 -8.90
CA VAL A 9 13.92 -0.45 -7.76
C VAL A 9 13.31 0.93 -7.86
N THR A 10 11.99 1.02 -7.81
CA THR A 10 11.35 2.32 -7.76
C THR A 10 10.69 2.52 -6.40
N THR A 11 10.89 3.70 -5.81
CA THR A 11 10.06 4.18 -4.72
C THR A 11 8.98 5.06 -5.33
N MET A 12 8.16 5.68 -4.48
CA MET A 12 7.09 6.52 -4.99
C MET A 12 7.61 7.80 -5.66
N ASP A 13 8.80 8.29 -5.32
CA ASP A 13 9.32 9.47 -6.02
C ASP A 13 10.77 9.29 -6.44
N ALA A 14 11.21 8.06 -6.68
CA ALA A 14 12.58 7.82 -7.11
C ALA A 14 12.64 6.52 -7.88
N GLU A 15 13.71 6.35 -8.64
CA GLU A 15 14.02 5.11 -9.34
C GLU A 15 15.50 4.88 -9.21
N LEU A 16 15.90 3.65 -8.86
CA LEU A 16 17.31 3.31 -8.71
C LEU A 16 17.60 2.06 -9.55
N GLU A 17 18.69 2.09 -10.30
CA GLU A 17 19.13 0.94 -11.06
C GLU A 17 20.43 0.43 -10.46
N PHE A 18 20.51 -0.89 -10.31
CA PHE A 18 21.56 -1.53 -9.55
C PHE A 18 22.15 -2.68 -10.36
N ALA A 19 23.43 -2.94 -10.15
CA ALA A 19 24.06 -4.19 -10.57
C ALA A 19 24.25 -5.09 -9.35
N ILE A 20 23.67 -6.29 -9.41
CA ILE A 20 23.85 -7.27 -8.35
C ILE A 20 24.35 -8.58 -8.95
N GLN A 21 25.07 -9.35 -8.14
CA GLN A 21 25.54 -10.68 -8.50
C GLN A 21 24.53 -11.73 -8.06
N PRO A 22 24.64 -12.98 -8.55
CA PRO A 22 23.63 -13.99 -8.16
C PRO A 22 23.64 -14.34 -6.68
N ASN A 23 24.68 -13.98 -5.93
CA ASN A 23 24.74 -14.23 -4.49
C ASN A 23 24.41 -12.98 -3.66
N THR A 24 23.81 -11.95 -4.25
CA THR A 24 23.37 -10.79 -3.49
C THR A 24 22.05 -11.12 -2.80
N THR A 25 21.94 -10.78 -1.52
CA THR A 25 20.71 -11.11 -0.82
C THR A 25 19.63 -10.05 -1.06
N GLY A 26 18.37 -10.45 -0.84
CA GLY A 26 17.33 -9.46 -0.78
C GLY A 26 17.63 -8.37 0.23
N LYS A 27 18.28 -8.75 1.35
CA LYS A 27 18.64 -7.79 2.38
C LYS A 27 19.66 -6.78 1.88
N GLN A 28 20.63 -7.22 1.08
CA GLN A 28 21.63 -6.28 0.59
C GLN A 28 21.01 -5.29 -0.37
N LEU A 29 20.04 -5.73 -1.18
CA LEU A 29 19.34 -4.81 -2.07
C LEU A 29 18.47 -3.84 -1.27
N PHE A 30 17.69 -4.37 -0.33
CA PHE A 30 16.84 -3.54 0.53
C PHE A 30 17.66 -2.50 1.28
N ASP A 31 18.79 -2.92 1.86
CA ASP A 31 19.60 -2.00 2.67
C ASP A 31 20.22 -0.91 1.83
N GLN A 32 20.61 -1.22 0.59
CA GLN A 32 21.18 -0.14 -0.21
C GLN A 32 20.10 0.79 -0.74
N VAL A 33 18.89 0.28 -0.97
CA VAL A 33 17.77 1.18 -1.27
C VAL A 33 17.56 2.17 -0.11
N VAL A 34 17.42 1.65 1.11
CA VAL A 34 17.03 2.53 2.22
C VAL A 34 18.14 3.51 2.57
N LYS A 35 19.40 3.15 2.35
CA LYS A 35 20.49 4.07 2.65
C LYS A 35 20.56 5.19 1.62
N THR A 36 20.30 4.88 0.35
CA THR A 36 20.31 5.91 -0.69
C THR A 36 19.29 6.99 -0.40
N ILE A 37 18.09 6.61 0.06
CA ILE A 37 17.00 7.57 0.24
C ILE A 37 16.93 8.07 1.67
N GLY A 38 17.71 7.52 2.58
CA GLY A 38 17.73 8.06 3.92
C GLY A 38 16.55 7.64 4.77
N LEU A 39 16.03 6.45 4.52
CA LEU A 39 14.89 5.94 5.27
C LEU A 39 15.39 5.14 6.45
N ARG A 40 14.90 5.47 7.65
CA ARG A 40 15.20 4.77 8.90
C ARG A 40 14.11 3.81 9.33
N GLU A 41 12.85 4.21 9.19
CA GLU A 41 11.69 3.40 9.60
C GLU A 41 11.44 2.30 8.57
N VAL A 42 12.34 1.31 8.56
CA VAL A 42 12.36 0.31 7.50
C VAL A 42 11.33 -0.79 7.67
N TRP A 43 10.84 -1.03 8.88
CA TRP A 43 10.03 -2.21 9.14
C TRP A 43 8.68 -2.17 8.45
N TYR A 44 8.24 -1.01 7.98
CA TYR A 44 7.00 -0.93 7.22
C TYR A 44 7.16 -1.41 5.78
N PHE A 45 8.38 -1.45 5.26
CA PHE A 45 8.59 -1.48 3.82
C PHE A 45 9.10 -2.83 3.35
N GLY A 46 8.98 -3.03 2.05
CA GLY A 46 9.40 -4.29 1.44
C GLY A 46 9.63 -4.00 -0.01
N LEU A 47 10.19 -5.01 -0.69
CA LEU A 47 10.50 -4.96 -2.13
C LEU A 47 9.50 -5.85 -2.85
N HIS A 48 8.53 -5.24 -3.51
CA HIS A 48 7.45 -5.89 -4.22
C HIS A 48 7.89 -6.27 -5.63
N TYR A 49 7.25 -7.31 -6.18
CA TYR A 49 7.58 -7.81 -7.54
C TYR A 49 6.46 -8.71 -8.08
N VAL A 50 5.88 -8.35 -9.21
CA VAL A 50 4.85 -9.16 -9.88
C VAL A 50 5.61 -10.17 -10.70
N ASP A 51 6.70 -10.66 -10.15
CA ASP A 51 7.59 -11.55 -10.89
C ASP A 51 7.37 -13.00 -10.51
N ASN A 52 6.21 -13.32 -9.97
CA ASN A 52 6.00 -14.76 -9.82
C ASN A 52 5.60 -15.16 -11.24
N LYS A 53 5.13 -16.38 -11.43
CA LYS A 53 4.56 -16.68 -12.75
C LYS A 53 3.20 -15.99 -12.73
N GLY A 54 3.19 -14.68 -12.48
CA GLY A 54 1.95 -13.89 -12.55
C GLY A 54 1.47 -13.38 -11.21
N PHE A 55 2.19 -13.70 -10.15
CA PHE A 55 1.66 -13.35 -8.81
C PHE A 55 2.35 -12.15 -8.16
N PRO A 56 1.58 -11.27 -7.50
CA PRO A 56 2.15 -10.16 -6.78
C PRO A 56 2.81 -10.74 -5.52
N THR A 57 4.07 -10.38 -5.27
CA THR A 57 4.84 -10.99 -4.19
C THR A 57 5.73 -9.98 -3.47
N TRP A 58 6.32 -10.39 -2.34
CA TRP A 58 7.28 -9.54 -1.62
C TRP A 58 8.58 -10.33 -1.49
N LEU A 59 9.70 -9.71 -1.79
CA LEU A 59 11.01 -10.43 -1.77
C LEU A 59 11.42 -10.77 -0.35
N LYS A 60 12.24 -11.80 -0.23
CA LYS A 60 12.73 -12.26 1.08
C LYS A 60 14.16 -11.74 1.24
N LEU A 61 14.40 -11.08 2.35
CA LEU A 61 15.71 -10.39 2.50
C LEU A 61 16.84 -11.37 2.81
N ASP A 62 16.56 -12.46 3.49
CA ASP A 62 17.67 -13.37 3.86
C ASP A 62 17.74 -14.51 2.85
N LYS A 63 17.32 -14.26 1.62
CA LYS A 63 17.50 -15.25 0.53
C LYS A 63 18.10 -14.49 -0.64
N LYS A 64 18.99 -15.14 -1.37
CA LYS A 64 19.66 -14.47 -2.51
C LYS A 64 18.64 -14.04 -3.54
N VAL A 65 18.82 -12.84 -4.07
CA VAL A 65 17.98 -12.44 -5.22
C VAL A 65 18.59 -13.33 -6.28
N SER A 66 17.83 -14.27 -6.83
CA SER A 66 18.34 -15.33 -7.73
C SER A 66 17.53 -16.51 -7.22
N ALA A 67 16.24 -16.26 -6.96
CA ALA A 67 15.30 -17.29 -6.51
C ALA A 67 13.93 -16.62 -6.55
N GLN A 68 13.22 -16.75 -7.68
CA GLN A 68 11.89 -16.16 -7.94
C GLN A 68 12.15 -15.02 -8.91
N GLU A 69 11.58 -15.06 -10.10
CA GLU A 69 11.96 -13.98 -11.05
C GLU A 69 11.00 -13.99 -12.21
N VAL A 70 10.64 -12.80 -12.65
CA VAL A 70 9.83 -12.76 -13.89
C VAL A 70 10.80 -12.77 -15.06
N PRO A 75 15.67 -5.00 -16.86
CA PRO A 75 16.25 -5.00 -15.52
C PRO A 75 15.24 -5.83 -14.75
N LEU A 76 15.66 -6.44 -13.66
CA LEU A 76 14.63 -7.07 -12.82
C LEU A 76 13.90 -5.89 -12.15
N GLN A 77 12.58 -5.89 -12.18
CA GLN A 77 11.78 -4.77 -11.69
C GLN A 77 11.31 -5.02 -10.26
N PHE A 78 11.63 -4.09 -9.37
CA PHE A 78 11.16 -4.11 -7.99
C PHE A 78 10.47 -2.80 -7.65
N LYS A 79 9.45 -2.89 -6.82
CA LYS A 79 8.74 -1.73 -6.31
C LYS A 79 9.01 -1.68 -4.82
N PHE A 80 9.71 -0.64 -4.36
CA PHE A 80 9.91 -0.40 -2.93
C PHE A 80 8.66 0.28 -2.42
N ARG A 81 7.91 -0.41 -1.55
CA ARG A 81 6.58 0.02 -1.14
C ARG A 81 6.37 -0.34 0.32
N ALA A 82 5.52 0.43 1.00
CA ALA A 82 5.04 0.02 2.32
C ALA A 82 4.31 -1.31 2.24
N LYS A 83 4.76 -2.26 3.06
CA LYS A 83 4.16 -3.58 3.14
C LYS A 83 3.23 -3.71 4.34
N PHE A 84 3.55 -3.02 5.43
CA PHE A 84 2.71 -3.01 6.61
C PHE A 84 2.30 -1.58 6.87
N TYR A 85 1.09 -1.40 7.37
CA TYR A 85 0.55 -0.07 7.63
C TYR A 85 0.39 0.16 9.12
N PRO A 86 0.69 1.36 9.60
CA PRO A 86 0.50 1.63 11.03
C PRO A 86 -0.98 1.58 11.38
N GLU A 87 -1.26 1.35 12.66
CA GLU A 87 -2.64 1.45 13.12
C GLU A 87 -3.10 2.90 13.19
N ASP A 88 -2.19 3.82 13.49
CA ASP A 88 -2.51 5.23 13.63
C ASP A 88 -1.35 6.04 13.04
N VAL A 89 -1.59 6.58 11.84
CA VAL A 89 -0.53 7.21 11.07
C VAL A 89 0.03 8.43 11.81
N ALA A 90 -0.82 9.22 12.47
CA ALA A 90 -0.34 10.39 13.19
C ALA A 90 0.49 10.01 14.41
N GLU A 91 0.22 8.86 15.02
CA GLU A 91 0.91 8.46 16.23
C GLU A 91 2.23 7.73 15.97
N GLU A 92 2.41 7.14 14.81
CA GLU A 92 3.46 6.14 14.64
C GLU A 92 4.55 6.51 13.65
N LEU A 93 4.22 7.17 12.54
CA LEU A 93 5.23 7.54 11.56
C LEU A 93 6.08 8.67 12.09
N ILE A 94 7.38 8.42 12.27
CA ILE A 94 8.30 9.38 12.90
C ILE A 94 8.88 10.36 11.87
N GLN A 95 9.45 9.85 10.78
CA GLN A 95 10.19 10.68 9.83
C GLN A 95 9.28 11.26 8.77
N ASP A 96 9.63 12.46 8.31
CA ASP A 96 8.91 13.05 7.19
C ASP A 96 8.99 12.20 5.93
N ILE A 97 10.13 11.53 5.71
CA ILE A 97 10.29 10.71 4.51
C ILE A 97 9.34 9.52 4.54
N THR A 98 9.27 8.83 5.68
CA THR A 98 8.30 7.75 5.86
C THR A 98 6.89 8.21 5.54
N GLN A 99 6.51 9.35 6.12
CA GLN A 99 5.17 9.92 5.93
C GLN A 99 4.91 10.24 4.47
N LYS A 100 5.90 10.85 3.80
CA LYS A 100 5.78 11.18 2.39
C LYS A 100 5.58 9.95 1.54
N LEU A 101 6.31 8.88 1.86
CA LEU A 101 6.23 7.67 1.04
C LEU A 101 4.89 6.97 1.21
N PHE A 102 4.34 6.99 2.43
CA PHE A 102 2.98 6.49 2.63
C PHE A 102 1.98 7.35 1.88
N PHE A 103 2.10 8.68 2.02
CA PHE A 103 1.19 9.60 1.36
C PHE A 103 1.13 9.33 -0.14
N LEU A 104 2.29 9.16 -0.77
CA LEU A 104 2.31 8.97 -2.21
C LEU A 104 1.75 7.62 -2.60
N GLN A 105 2.11 6.58 -1.85
CA GLN A 105 1.58 5.25 -2.13
C GLN A 105 0.07 5.21 -1.95
N VAL A 106 -0.43 5.81 -0.86
CA VAL A 106 -1.85 5.78 -0.62
C VAL A 106 -2.59 6.60 -1.70
N LYS A 107 -2.11 7.81 -1.99
CA LYS A 107 -2.75 8.61 -3.05
C LYS A 107 -2.81 7.86 -4.38
N GLU A 108 -1.75 7.12 -4.74
CA GLU A 108 -1.81 6.37 -5.99
C GLU A 108 -2.88 5.29 -5.93
N GLY A 109 -3.04 4.64 -4.77
CA GLY A 109 -4.09 3.62 -4.67
C GLY A 109 -5.47 4.20 -4.81
N ILE A 110 -5.72 5.35 -4.20
CA ILE A 110 -7.01 6.02 -4.34
C ILE A 110 -7.23 6.45 -5.78
N LEU A 111 -6.29 7.22 -6.34
CA LEU A 111 -6.49 7.79 -7.68
C LEU A 111 -6.56 6.71 -8.75
N SER A 112 -5.94 5.55 -8.53
CA SER A 112 -5.99 4.47 -9.51
C SER A 112 -7.20 3.57 -9.34
N ASP A 113 -8.14 3.95 -8.46
CA ASP A 113 -9.40 3.27 -8.19
C ASP A 113 -9.21 2.01 -7.36
N GLU A 114 -8.00 1.75 -6.87
CA GLU A 114 -7.73 0.52 -6.14
C GLU A 114 -8.35 0.55 -4.73
N ILE A 115 -8.33 1.70 -4.09
CA ILE A 115 -8.93 1.89 -2.78
C ILE A 115 -10.19 2.72 -2.98
N TYR A 116 -11.36 2.11 -2.79
CA TYR A 116 -12.62 2.81 -3.01
C TYR A 116 -12.64 4.09 -2.18
N CYS A 117 -13.26 5.13 -2.74
CA CYS A 117 -13.31 6.46 -2.12
C CYS A 117 -14.63 7.12 -2.43
N PRO A 118 -15.40 7.57 -1.43
CA PRO A 118 -16.62 8.33 -1.69
C PRO A 118 -16.30 9.67 -2.33
N PRO A 119 -17.28 10.32 -2.97
CA PRO A 119 -17.00 11.54 -3.75
C PRO A 119 -16.53 12.72 -2.92
N GLU A 120 -17.22 13.03 -1.82
CA GLU A 120 -16.81 14.17 -1.02
C GLU A 120 -15.46 13.93 -0.36
N THR A 121 -15.15 12.66 -0.05
CA THR A 121 -13.84 12.35 0.48
C THR A 121 -12.76 12.55 -0.59
N ALA A 122 -13.05 12.11 -1.81
CA ALA A 122 -12.12 12.33 -2.92
C ALA A 122 -11.85 13.81 -3.13
N VAL A 123 -12.87 14.66 -3.03
CA VAL A 123 -12.63 16.10 -3.18
C VAL A 123 -11.75 16.60 -2.04
N LEU A 124 -12.09 16.23 -0.80
CA LEU A 124 -11.32 16.72 0.34
C LEU A 124 -9.88 16.20 0.29
N LEU A 125 -9.70 14.92 -0.01
CA LEU A 125 -8.35 14.40 -0.17
C LEU A 125 -7.59 15.16 -1.25
N GLY A 126 -8.20 15.27 -2.43
CA GLY A 126 -7.59 16.02 -3.50
C GLY A 126 -7.19 17.43 -3.09
N SER A 127 -7.92 18.03 -2.17
CA SER A 127 -7.58 19.39 -1.77
C SER A 127 -6.33 19.41 -0.89
N TYR A 128 -6.18 18.43 -0.01
CA TYR A 128 -4.92 18.30 0.74
C TYR A 128 -3.75 17.99 -0.19
N ALA A 129 -3.94 17.07 -1.12
CA ALA A 129 -2.89 16.84 -2.12
C ALA A 129 -2.53 18.14 -2.82
N VAL A 130 -3.53 18.97 -3.08
CA VAL A 130 -3.28 20.25 -3.72
C VAL A 130 -2.51 21.17 -2.79
N GLN A 131 -2.90 21.21 -1.53
CA GLN A 131 -2.15 22.03 -0.60
C GLN A 131 -0.72 21.53 -0.46
N ALA A 132 -0.50 20.23 -0.60
CA ALA A 132 0.85 19.71 -0.50
C ALA A 132 1.69 20.04 -1.73
N LYS A 133 1.09 20.08 -2.91
CA LYS A 133 1.87 20.29 -4.13
C LYS A 133 1.94 21.75 -4.55
N PHE A 134 1.06 22.62 -4.05
CA PHE A 134 1.00 23.99 -4.52
C PHE A 134 1.21 25.03 -3.43
N GLY A 135 1.17 24.65 -2.16
CA GLY A 135 1.18 25.61 -1.09
C GLY A 135 -0.16 26.32 -1.00
N ASP A 136 -0.17 27.42 -0.25
CA ASP A 136 -1.37 28.23 -0.06
C ASP A 136 -1.99 28.63 -1.40
N TYR A 137 -3.31 28.66 -1.40
CA TYR A 137 -4.01 29.12 -2.62
C TYR A 137 -3.86 30.63 -2.66
N ASN A 138 -3.48 31.16 -3.81
CA ASN A 138 -3.39 32.62 -3.96
C ASN A 138 -4.12 33.02 -5.22
N LYS A 139 -5.14 33.85 -5.03
CA LYS A 139 -5.95 34.28 -6.19
C LYS A 139 -5.01 34.90 -7.21
N GLU A 140 -3.84 35.30 -6.71
CA GLU A 140 -2.87 35.90 -7.62
C GLU A 140 -2.13 34.81 -8.36
N VAL A 141 -1.49 33.91 -7.63
CA VAL A 141 -0.62 32.90 -8.26
C VAL A 141 -1.42 31.82 -8.96
N HIS A 142 -2.44 31.29 -8.29
CA HIS A 142 -3.20 30.17 -8.89
C HIS A 142 -4.54 30.75 -9.34
N LYS A 143 -4.68 30.95 -10.63
CA LYS A 143 -6.01 31.40 -11.08
C LYS A 143 -6.48 30.45 -12.17
N SER A 144 -7.69 30.71 -12.66
CA SER A 144 -8.22 29.85 -13.73
C SER A 144 -7.31 28.71 -14.16
N GLY A 145 -7.80 27.48 -14.07
CA GLY A 145 -7.08 26.30 -14.60
C GLY A 145 -5.75 25.97 -13.96
N TYR A 146 -5.44 26.51 -12.79
CA TYR A 146 -4.18 26.08 -12.14
C TYR A 146 -4.21 24.56 -11.92
N LEU A 147 -5.40 23.95 -11.94
CA LEU A 147 -5.49 22.54 -11.64
C LEU A 147 -5.86 21.68 -12.85
N SER A 148 -6.00 22.27 -14.04
CA SER A 148 -5.91 21.43 -15.22
C SER A 148 -4.52 20.80 -15.24
N SER A 149 -4.37 19.75 -16.05
CA SER A 149 -3.15 18.95 -16.14
C SER A 149 -2.90 18.18 -14.85
N GLU A 150 -3.73 18.39 -13.83
CA GLU A 150 -3.59 17.69 -12.53
C GLU A 150 -4.68 16.63 -12.33
N ARG A 151 -4.29 15.39 -12.02
CA ARG A 151 -5.25 14.30 -11.76
C ARG A 151 -5.64 14.37 -10.30
N LEU A 152 -6.87 14.76 -10.00
CA LEU A 152 -7.19 14.96 -8.57
C LEU A 152 -8.33 14.05 -8.09
N ILE A 153 -9.06 13.42 -8.99
CA ILE A 153 -10.26 12.64 -8.56
C ILE A 153 -10.24 11.28 -9.25
N PRO A 154 -10.51 10.18 -8.52
CA PRO A 154 -10.47 8.85 -9.14
C PRO A 154 -11.43 8.79 -10.32
N GLN A 155 -11.04 8.00 -11.31
CA GLN A 155 -11.86 7.89 -12.51
C GLN A 155 -13.23 7.30 -12.20
N ARG A 156 -13.34 6.39 -11.22
CA ARG A 156 -14.65 5.81 -10.94
C ARG A 156 -15.56 6.81 -10.27
N VAL A 157 -14.99 7.73 -9.49
CA VAL A 157 -15.79 8.81 -8.91
C VAL A 157 -16.37 9.67 -10.01
N MET A 158 -15.53 10.07 -10.97
CA MET A 158 -15.99 10.91 -12.07
C MET A 158 -17.01 10.17 -12.94
N ASP A 159 -16.76 8.90 -13.16
CA ASP A 159 -17.63 8.08 -14.03
C ASP A 159 -19.01 7.96 -13.41
N GLN A 160 -19.06 7.87 -12.09
CA GLN A 160 -20.36 7.67 -11.43
C GLN A 160 -21.04 9.03 -11.25
N HIS A 161 -20.31 10.11 -11.47
CA HIS A 161 -20.91 11.43 -11.17
C HIS A 161 -21.16 12.20 -12.46
N LYS A 162 -21.70 13.40 -12.32
CA LYS A 162 -22.12 14.13 -13.52
C LYS A 162 -21.39 15.47 -13.63
N LEU A 163 -20.17 15.54 -13.13
CA LEU A 163 -19.54 16.87 -13.22
C LEU A 163 -18.52 16.84 -14.34
N THR A 164 -18.19 18.00 -14.87
CA THR A 164 -17.10 18.12 -15.82
C THR A 164 -15.77 18.25 -15.07
N ARG A 165 -14.66 18.32 -15.81
CA ARG A 165 -13.37 18.51 -15.16
C ARG A 165 -13.30 19.86 -14.46
N ASP A 166 -13.83 20.92 -15.08
CA ASP A 166 -13.83 22.22 -14.43
C ASP A 166 -14.70 22.22 -13.19
N GLN A 167 -15.86 21.58 -13.28
CA GLN A 167 -16.70 21.32 -12.11
C GLN A 167 -15.86 20.81 -10.95
N TRP A 168 -15.09 19.75 -11.19
CA TRP A 168 -14.32 19.08 -10.15
C TRP A 168 -13.23 20.00 -9.59
N GLU A 169 -12.44 20.60 -10.49
CA GLU A 169 -11.40 21.52 -10.06
C GLU A 169 -11.98 22.61 -9.16
N ASP A 170 -13.15 23.13 -9.53
CA ASP A 170 -13.81 24.16 -8.72
C ASP A 170 -14.08 23.67 -7.29
N ARG A 171 -14.65 22.47 -7.15
CA ARG A 171 -14.92 21.94 -5.82
C ARG A 171 -13.63 21.75 -5.05
N ILE A 172 -12.59 21.26 -5.72
CA ILE A 172 -11.30 21.09 -5.05
C ILE A 172 -10.71 22.45 -4.68
N GLN A 173 -10.85 23.42 -5.59
CA GLN A 173 -10.29 24.75 -5.33
C GLN A 173 -10.91 25.38 -4.08
N VAL A 174 -12.21 25.17 -3.83
CA VAL A 174 -12.82 25.80 -2.66
C VAL A 174 -12.34 25.17 -1.36
N TRP A 175 -11.78 23.96 -1.40
CA TRP A 175 -11.20 23.37 -0.20
C TRP A 175 -9.73 23.71 -0.04
N HIS A 176 -9.01 23.80 -1.16
CA HIS A 176 -7.62 24.25 -1.15
C HIS A 176 -7.45 25.51 -0.32
N ALA A 177 -8.31 26.50 -0.54
CA ALA A 177 -8.19 27.80 0.12
C ALA A 177 -8.38 27.68 1.62
N GLU A 178 -9.18 26.72 2.08
CA GLU A 178 -9.32 26.57 3.52
C GLU A 178 -8.07 26.00 4.15
N HIS A 179 -7.16 25.46 3.33
CA HIS A 179 -5.88 24.93 3.80
C HIS A 179 -4.76 25.99 3.76
N ARG A 180 -5.09 27.28 3.81
CA ARG A 180 -4.06 28.32 3.88
C ARG A 180 -3.35 28.25 5.21
N GLY A 181 -2.02 28.30 5.18
CA GLY A 181 -1.21 28.17 6.37
C GLY A 181 -0.74 26.76 6.67
N MET A 182 -1.14 25.78 5.86
CA MET A 182 -0.80 24.39 6.09
C MET A 182 0.50 24.08 5.35
N LEU A 183 1.52 23.65 6.09
CA LEU A 183 2.76 23.28 5.41
C LEU A 183 2.55 21.94 4.71
N LYS A 184 3.45 21.64 3.76
CA LYS A 184 3.26 20.49 2.88
C LYS A 184 3.21 19.21 3.67
N ASP A 185 4.26 18.93 4.47
CA ASP A 185 4.30 17.76 5.33
C ASP A 185 3.01 17.57 6.13
N ASN A 186 2.44 18.66 6.66
CA ASN A 186 1.22 18.53 7.44
C ASN A 186 0.01 18.27 6.54
N ALA A 187 0.03 18.78 5.30
CA ALA A 187 -1.03 18.44 4.37
C ALA A 187 -0.98 16.98 3.98
N MET A 188 0.23 16.39 3.93
CA MET A 188 0.35 14.98 3.60
C MET A 188 -0.17 14.10 4.73
N LEU A 189 0.06 14.51 5.97
CA LEU A 189 -0.45 13.74 7.11
C LEU A 189 -1.96 13.85 7.20
N GLU A 190 -2.50 15.05 6.98
CA GLU A 190 -3.94 15.22 6.99
C GLU A 190 -4.58 14.38 5.89
N TYR A 191 -3.91 14.28 4.75
CA TYR A 191 -4.37 13.36 3.72
C TYR A 191 -4.46 11.94 4.26
N LEU A 192 -3.40 11.49 4.94
CA LEU A 192 -3.36 10.12 5.48
C LEU A 192 -4.40 9.94 6.59
N LYS A 193 -4.60 10.96 7.43
CA LYS A 193 -5.63 10.85 8.48
C LYS A 193 -6.99 10.52 7.90
N ILE A 194 -7.33 11.12 6.76
CA ILE A 194 -8.62 10.83 6.13
C ILE A 194 -8.59 9.48 5.46
N ALA A 195 -7.51 9.21 4.72
CA ALA A 195 -7.45 7.97 3.96
C ALA A 195 -7.53 6.77 4.87
N GLN A 196 -6.88 6.83 6.03
CA GLN A 196 -6.84 5.64 6.88
C GLN A 196 -8.21 5.31 7.47
N ASP A 197 -9.22 6.13 7.23
CA ASP A 197 -10.58 5.80 7.60
C ASP A 197 -11.33 5.06 6.51
N LEU A 198 -10.78 5.02 5.30
CA LEU A 198 -11.46 4.34 4.21
C LEU A 198 -11.46 2.85 4.48
N GLU A 199 -12.53 2.18 4.04
CA GLU A 199 -12.71 0.77 4.35
C GLU A 199 -11.64 -0.11 3.71
N MET A 200 -11.15 0.25 2.52
CA MET A 200 -10.18 -0.59 1.81
C MET A 200 -8.73 -0.26 2.13
N TYR A 201 -8.51 0.75 2.97
CA TYR A 201 -7.17 1.20 3.29
C TYR A 201 -6.39 0.15 4.07
N GLY A 202 -5.13 -0.05 3.68
CA GLY A 202 -4.23 -0.86 4.47
C GLY A 202 -4.48 -2.35 4.42
N ILE A 203 -5.29 -2.82 3.47
CA ILE A 203 -5.75 -4.21 3.43
C ILE A 203 -5.08 -4.90 2.26
N ASN A 204 -4.54 -6.10 2.50
CA ASN A 204 -4.05 -6.97 1.42
C ASN A 204 -5.15 -7.96 1.06
N TYR A 205 -5.57 -7.94 -0.19
CA TYR A 205 -6.68 -8.76 -0.64
C TYR A 205 -6.17 -9.95 -1.44
N PHE A 206 -6.75 -11.13 -1.16
CA PHE A 206 -6.41 -12.37 -1.84
C PHE A 206 -7.67 -13.03 -2.37
N GLU A 207 -7.61 -13.52 -3.61
CA GLU A 207 -8.72 -14.28 -4.20
C GLU A 207 -8.72 -15.69 -3.64
N ILE A 208 -9.80 -16.07 -2.98
CA ILE A 208 -9.89 -17.36 -2.34
C ILE A 208 -11.22 -18.00 -2.74
N LYS A 209 -11.41 -19.25 -2.32
CA LYS A 209 -12.69 -19.92 -2.50
C LYS A 209 -13.03 -20.66 -1.23
N ASN A 210 -14.31 -20.63 -0.82
CA ASN A 210 -14.69 -21.48 0.29
C ASN A 210 -14.87 -22.92 -0.18
N LYS A 211 -15.32 -23.77 0.75
CA LYS A 211 -15.52 -25.20 0.46
C LYS A 211 -16.54 -25.43 -0.63
N LYS A 212 -17.59 -24.61 -0.69
CA LYS A 212 -18.60 -24.77 -1.72
C LYS A 212 -18.17 -24.24 -3.08
N GLY A 213 -16.93 -23.74 -3.22
CA GLY A 213 -16.49 -23.20 -4.50
C GLY A 213 -16.91 -21.77 -4.76
N THR A 214 -17.47 -21.08 -3.78
CA THR A 214 -17.81 -19.67 -3.93
C THR A 214 -16.54 -18.81 -3.89
N ASP A 215 -16.51 -17.80 -4.75
CA ASP A 215 -15.40 -16.86 -4.80
C ASP A 215 -15.53 -15.86 -3.66
N LEU A 216 -14.42 -15.64 -2.95
CA LEU A 216 -14.43 -14.70 -1.84
C LEU A 216 -13.13 -13.92 -1.88
N TRP A 217 -13.03 -12.89 -1.04
CA TRP A 217 -11.76 -12.25 -0.77
C TRP A 217 -11.35 -12.55 0.66
N LEU A 218 -10.07 -12.80 0.85
CA LEU A 218 -9.46 -12.71 2.16
C LEU A 218 -8.74 -11.38 2.21
N GLY A 219 -8.94 -10.64 3.30
CA GLY A 219 -8.17 -9.45 3.57
C GLY A 219 -7.28 -9.74 4.78
N VAL A 220 -6.01 -9.40 4.65
CA VAL A 220 -5.09 -9.34 5.79
C VAL A 220 -4.73 -7.89 5.99
N ASP A 221 -4.87 -7.41 7.22
CA ASP A 221 -4.46 -6.03 7.52
C ASP A 221 -3.83 -6.05 8.90
N ALA A 222 -3.62 -4.84 9.44
CA ALA A 222 -2.85 -4.69 10.66
C ALA A 222 -3.53 -5.33 11.85
N LEU A 223 -4.85 -5.49 11.81
CA LEU A 223 -5.63 -5.97 12.94
C LEU A 223 -6.14 -7.40 12.82
N GLY A 224 -5.95 -8.05 11.69
CA GLY A 224 -6.44 -9.41 11.64
C GLY A 224 -6.82 -9.79 10.22
N LEU A 225 -7.77 -10.71 10.12
CA LEU A 225 -8.16 -11.32 8.86
C LEU A 225 -9.64 -11.05 8.64
N ASN A 226 -10.01 -10.85 7.38
CA ASN A 226 -11.40 -10.62 7.06
C ASN A 226 -11.75 -11.42 5.82
N ILE A 227 -12.98 -11.93 5.79
CA ILE A 227 -13.53 -12.58 4.60
C ILE A 227 -14.58 -11.65 4.02
N TYR A 228 -14.47 -11.39 2.71
CA TYR A 228 -15.45 -10.59 1.99
C TYR A 228 -16.12 -11.43 0.92
N GLU A 229 -17.42 -11.25 0.75
CA GLU A 229 -18.07 -11.69 -0.49
C GLU A 229 -17.39 -11.02 -1.68
N LYS A 230 -17.44 -11.70 -2.84
CA LYS A 230 -16.63 -11.27 -3.97
C LYS A 230 -16.97 -9.86 -4.42
N ASP A 231 -18.20 -9.41 -4.17
CA ASP A 231 -18.66 -8.12 -4.67
C ASP A 231 -18.51 -6.99 -3.70
N ASP A 232 -18.43 -7.28 -2.41
CA ASP A 232 -18.39 -6.27 -1.37
C ASP A 232 -17.02 -6.39 -0.71
N LYS A 233 -16.02 -5.72 -1.28
CA LYS A 233 -14.70 -5.60 -0.68
C LYS A 233 -14.63 -4.55 0.41
N LEU A 234 -15.70 -3.77 0.61
CA LEU A 234 -15.69 -2.78 1.66
C LEU A 234 -16.08 -3.36 3.00
N THR A 235 -17.11 -4.20 3.02
CA THR A 235 -17.71 -4.66 4.26
C THR A 235 -17.30 -6.10 4.53
N PRO A 236 -16.48 -6.36 5.54
CA PRO A 236 -16.18 -7.76 5.88
C PRO A 236 -17.44 -8.55 6.16
N LYS A 237 -17.56 -9.71 5.50
CA LYS A 237 -18.62 -10.64 5.86
C LYS A 237 -18.30 -11.38 7.16
N ILE A 238 -17.04 -11.78 7.33
CA ILE A 238 -16.55 -12.44 8.53
C ILE A 238 -15.29 -11.71 8.97
N GLY A 239 -15.20 -11.34 10.25
CA GLY A 239 -14.04 -10.67 10.80
C GLY A 239 -13.33 -11.53 11.82
N PHE A 240 -11.99 -11.59 11.71
CA PHE A 240 -11.15 -12.37 12.62
C PHE A 240 -10.05 -11.47 13.16
N PRO A 241 -10.35 -10.69 14.20
CA PRO A 241 -9.27 -9.93 14.85
C PRO A 241 -8.30 -10.88 15.52
N TRP A 242 -7.03 -10.47 15.62
CA TRP A 242 -6.00 -11.35 16.18
C TRP A 242 -6.47 -11.99 17.49
N SER A 243 -7.14 -11.22 18.33
CA SER A 243 -7.51 -11.74 19.64
C SER A 243 -8.67 -12.70 19.55
N GLU A 244 -9.26 -12.90 18.37
CA GLU A 244 -10.34 -13.86 18.27
C GLU A 244 -9.91 -15.13 17.54
N ILE A 245 -8.61 -15.30 17.29
CA ILE A 245 -8.10 -16.42 16.52
C ILE A 245 -7.41 -17.39 17.45
N ARG A 246 -7.86 -18.65 17.45
CA ARG A 246 -7.19 -19.68 18.21
C ARG A 246 -5.96 -20.19 17.46
N ASN A 247 -6.12 -20.59 16.21
CA ASN A 247 -4.96 -20.83 15.38
C ASN A 247 -5.29 -20.54 13.93
N ILE A 248 -4.24 -20.35 13.14
CA ILE A 248 -4.36 -20.33 11.67
C ILE A 248 -3.42 -21.40 11.13
N SER A 249 -3.80 -22.01 10.03
CA SER A 249 -2.99 -23.07 9.42
C SER A 249 -3.27 -23.16 7.93
N PHE A 250 -2.25 -23.59 7.19
CA PHE A 250 -2.47 -24.01 5.83
C PHE A 250 -1.69 -25.29 5.58
N ASN A 251 -2.13 -26.05 4.59
CA ASN A 251 -1.35 -27.16 4.08
C ASN A 251 -1.62 -27.21 2.59
N ASP A 252 -0.61 -26.90 1.77
CA ASP A 252 -0.76 -26.77 0.31
C ASP A 252 -1.82 -25.70 0.03
N LYS A 253 -2.92 -26.01 -0.66
CA LYS A 253 -3.91 -24.99 -1.00
C LYS A 253 -4.99 -24.76 0.06
N LYS A 254 -5.07 -25.60 1.10
CA LYS A 254 -6.13 -25.51 2.10
C LYS A 254 -5.66 -24.70 3.31
N PHE A 255 -6.41 -23.65 3.65
CA PHE A 255 -6.13 -22.75 4.75
C PHE A 255 -7.30 -22.79 5.72
N VAL A 256 -7.02 -22.86 7.02
CA VAL A 256 -8.07 -22.95 8.03
C VAL A 256 -7.86 -21.87 9.09
N ILE A 257 -8.95 -21.20 9.46
CA ILE A 257 -8.96 -20.27 10.61
C ILE A 257 -9.82 -20.91 11.71
N LYS A 258 -9.25 -21.14 12.89
CA LYS A 258 -10.02 -21.67 14.02
C LYS A 258 -10.28 -20.55 15.01
N PRO A 259 -11.53 -20.25 15.34
CA PRO A 259 -11.83 -19.13 16.24
C PRO A 259 -11.51 -19.49 17.69
N ILE A 260 -11.32 -18.46 18.51
CA ILE A 260 -11.12 -18.69 19.94
C ILE A 260 -12.36 -19.32 20.56
N ASP A 261 -13.56 -18.98 20.06
CA ASP A 261 -14.79 -19.53 20.61
C ASP A 261 -14.87 -21.02 20.29
N LYS A 262 -14.68 -21.87 21.30
CA LYS A 262 -14.70 -23.32 21.09
C LYS A 262 -16.02 -23.78 20.49
N LYS A 263 -17.11 -23.05 20.73
CA LYS A 263 -18.38 -23.40 20.11
C LYS A 263 -18.46 -23.02 18.64
N ALA A 264 -17.58 -22.01 18.16
CA ALA A 264 -17.80 -21.51 16.81
C ALA A 264 -17.00 -22.32 15.79
N PRO A 265 -17.48 -22.38 14.55
CA PRO A 265 -16.87 -23.28 13.57
C PRO A 265 -15.64 -22.68 12.91
N ASP A 266 -14.81 -23.58 12.38
CA ASP A 266 -13.65 -23.17 11.58
C ASP A 266 -14.11 -22.45 10.32
N PHE A 267 -13.24 -21.57 9.82
CA PHE A 267 -13.38 -21.07 8.46
C PHE A 267 -12.29 -21.68 7.59
N VAL A 268 -12.72 -22.41 6.57
CA VAL A 268 -11.85 -23.12 5.67
C VAL A 268 -12.00 -22.45 4.32
N PHE A 269 -10.87 -22.20 3.67
CA PHE A 269 -10.91 -21.67 2.32
C PHE A 269 -9.75 -22.29 1.57
N TYR A 270 -9.74 -22.08 0.26
CA TYR A 270 -8.74 -22.66 -0.63
C TYR A 270 -8.14 -21.54 -1.47
N ALA A 271 -6.84 -21.57 -1.60
CA ALA A 271 -6.05 -20.73 -2.47
C ALA A 271 -5.76 -21.47 -3.77
N PRO A 272 -5.38 -20.76 -4.83
CA PRO A 272 -5.06 -21.47 -6.08
C PRO A 272 -3.75 -22.22 -6.04
N ARG A 273 -2.75 -21.77 -5.28
CA ARG A 273 -1.47 -22.44 -5.21
C ARG A 273 -0.91 -22.31 -3.81
N LEU A 274 0.00 -23.23 -3.49
CA LEU A 274 0.68 -23.23 -2.21
C LEU A 274 1.29 -21.87 -1.89
N ARG A 275 1.89 -21.22 -2.90
CA ARG A 275 2.65 -20.00 -2.66
C ARG A 275 1.76 -18.86 -2.20
N ILE A 276 0.50 -18.87 -2.61
CA ILE A 276 -0.45 -17.88 -2.13
C ILE A 276 -0.67 -18.03 -0.63
N ASN A 277 -0.86 -19.28 -0.17
CA ASN A 277 -1.08 -19.48 1.25
C ASN A 277 0.15 -19.10 2.06
N LYS A 278 1.34 -19.34 1.51
CA LYS A 278 2.57 -18.89 2.18
C LYS A 278 2.62 -17.38 2.25
N ARG A 279 2.23 -16.70 1.18
CA ARG A 279 2.24 -15.24 1.20
C ARG A 279 1.20 -14.68 2.16
N ILE A 280 0.04 -15.34 2.27
CA ILE A 280 -0.96 -14.95 3.26
C ILE A 280 -0.42 -15.09 4.67
N LEU A 281 0.25 -16.21 4.94
CA LEU A 281 0.66 -16.41 6.34
C LEU A 281 1.80 -15.49 6.72
N GLN A 282 2.68 -15.15 5.77
CA GLN A 282 3.79 -14.28 6.13
C GLN A 282 3.29 -12.89 6.46
N LEU A 283 2.30 -12.40 5.70
CA LEU A 283 1.64 -11.14 6.06
C LEU A 283 0.92 -11.27 7.38
N CYS A 284 0.32 -12.43 7.63
CA CYS A 284 -0.30 -12.67 8.93
C CYS A 284 0.72 -12.53 10.04
N MET A 285 1.85 -13.24 9.91
CA MET A 285 2.88 -13.17 10.94
C MET A 285 3.42 -11.76 11.07
N GLY A 286 3.74 -11.13 9.93
CA GLY A 286 4.29 -9.79 9.98
C GLY A 286 3.34 -8.81 10.65
N ASN A 287 2.04 -8.91 10.35
CA ASN A 287 1.12 -7.93 10.92
C ASN A 287 0.86 -8.22 12.37
N HIS A 288 0.77 -9.50 12.74
CA HIS A 288 0.53 -9.85 14.14
C HIS A 288 1.68 -9.38 15.01
N GLU A 289 2.92 -9.57 14.54
CA GLU A 289 4.08 -9.17 15.33
C GLU A 289 4.14 -7.65 15.53
N LEU A 290 3.85 -6.87 14.48
CA LEU A 290 3.83 -5.43 14.66
C LEU A 290 2.71 -5.02 15.61
N TYR A 291 1.56 -5.70 15.52
CA TYR A 291 0.45 -5.45 16.42
C TYR A 291 0.83 -5.73 17.86
N MET A 292 1.53 -6.83 18.11
CA MET A 292 1.98 -7.11 19.48
C MET A 292 3.05 -6.11 19.93
N ARG A 293 3.94 -5.70 19.02
CA ARG A 293 4.99 -4.76 19.41
C ARG A 293 4.41 -3.43 19.88
N ARG A 294 3.34 -2.94 19.25
CA ARG A 294 2.65 -1.76 19.75
C ARG A 294 2.07 -1.93 21.14
N ARG A 295 1.87 -3.15 21.60
CA ARG A 295 1.25 -3.38 22.92
C ARG A 295 2.19 -4.01 23.97
N ASP B 1 31.63 -7.61 -1.64
CA ASP B 1 31.79 -8.38 -2.88
C ASP B 1 30.44 -8.59 -3.57
N SER B 2 29.43 -9.01 -2.80
CA SER B 2 28.06 -9.18 -3.29
C SER B 2 27.19 -7.95 -3.10
N GLU B 3 27.77 -6.88 -2.56
CA GLU B 3 27.02 -5.65 -2.31
C GLU B 3 26.59 -5.04 -3.64
N PRO B 4 25.33 -4.60 -3.78
CA PRO B 4 24.88 -4.03 -5.04
C PRO B 4 25.69 -2.79 -5.41
N VAL B 5 25.73 -2.54 -6.72
CA VAL B 5 26.45 -1.35 -7.24
C VAL B 5 25.43 -0.47 -7.95
N LEU B 6 25.26 0.74 -7.45
CA LEU B 6 24.29 1.70 -8.01
C LEU B 6 24.85 2.23 -9.31
N LYS B 7 24.08 2.11 -10.38
CA LYS B 7 24.52 2.58 -11.70
C LYS B 7 23.66 3.76 -12.14
N GLY B 8 22.46 3.89 -11.56
CA GLY B 8 21.54 4.94 -12.03
C GLY B 8 20.58 5.42 -10.99
N VAL B 9 20.27 6.71 -11.00
CA VAL B 9 19.25 7.25 -10.07
C VAL B 9 18.40 8.34 -10.72
N LYS B 10 17.10 8.28 -10.54
CA LYS B 10 16.23 9.38 -10.90
C LYS B 10 15.44 9.79 -9.68
N LEU B 11 15.45 11.09 -9.38
CA LEU B 11 14.75 11.62 -8.21
C LEU B 11 13.69 12.58 -8.71
N HIS B 12 12.43 12.32 -8.39
CA HIS B 12 11.35 13.25 -8.72
C HIS B 12 11.14 14.19 -7.54
N TYR B 13 11.19 15.50 -7.81
CA TYR B 13 10.97 16.49 -6.76
C TYR B 13 9.49 16.79 -6.61
N THR B 14 8.83 17.06 -7.73
CA THR B 14 7.39 17.09 -7.79
C THR B 14 6.99 15.95 -8.71
#